data_4UMW
#
_entry.id   4UMW
#
_cell.length_a   77.641
_cell.length_b   83.560
_cell.length_c   319.818
_cell.angle_alpha   90.00
_cell.angle_beta   90.00
_cell.angle_gamma   90.00
#
_symmetry.space_group_name_H-M   'C 2 2 21'
#
loop_
_entity.id
_entity.type
_entity.pdbx_description
1 polymer 'ZINC-TRANSPORTING ATPASE'
2 non-polymer 'TETRAFLUOROALUMINATE ION'
3 non-polymer 'MAGNESIUM ION'
4 water water
#
_entity_poly.entity_id   1
_entity_poly.type   'polypeptide(L)'
_entity_poly.pdbx_seq_one_letter_code
;MSTPDNHGKKAPQFAAFKPLTTVQNANDCCCDGACSSSPTLSENVSGTRYSWKVSGMDCAACARKVENAVRQLAGVNQVQ
VLFATEKLVVDADNDIRAQVESAVQKAGYSLRDEQAADEPQASRLKENLPLITLIVMMAISWGLEQFNHPFGQLAFIATT
LVGLYPIARQALRLIKSGSYFAIETLMSVAAIGALFIGATAEAAMVLLLFLIGERLEGWAASRARQGVSALMALKPETAT
RLRNGEREEVAINSLRPGDVIEVAAGGRLPADGKLLSPFASFDESALTGESIPVERATGDKVPAGATSVDRLVTLEVLSE
PGASAIDRILKLIEEAEERRAPIERFIDRFSRIYTPAIMAVALLVTLVPPLLFAASWQEWIYKGLTLLLIGCPCALVIST
PAAITSGLAAAARRGALIKGGAALEQLGRVTQVAFDKTGTLTVGKPRVTAIHPATGISESELLTLAAAVEQGATHPLAQA
IVREAQVAELAIPTAESQRALVGSGIEAQVNGERVLICAAGKHPADAFAGLINELESAGQTVVLVVRNDDVLGIIALQDT
LRADAATAISELNALGVKGVILTGDNPRAAAAIAGELGLEFKAGLLPEDKVKAVTKLNQHAPLAMVGDGINDAPAMKAAA
IGIAMGSGTDVALETADAALTHNHLRGLVQMIELARATHANIRQNITIALGLKGIFLVTTLLGMTGLWLAVLADTGATVL
VTANALRLLRRR
;
_entity_poly.pdbx_strand_id   A
#
loop_
_chem_comp.id
_chem_comp.type
_chem_comp.name
_chem_comp.formula
ALF non-polymer 'TETRAFLUOROALUMINATE ION' 'Al F4 -1'
MG non-polymer 'MAGNESIUM ION' 'Mg 2'
#
# COMPACT_ATOMS: atom_id res chain seq x y z
N ARG A 124 -18.16 -11.94 14.58
CA ARG A 124 -17.24 -11.48 13.54
C ARG A 124 -17.87 -11.63 12.16
N LEU A 125 -18.73 -12.62 12.00
CA LEU A 125 -19.39 -12.89 10.72
C LEU A 125 -20.92 -12.70 10.81
N LYS A 126 -21.38 -12.00 11.85
CA LYS A 126 -22.81 -11.75 12.03
C LYS A 126 -23.33 -10.73 11.02
N GLU A 127 -22.44 -10.24 10.16
CA GLU A 127 -22.81 -9.31 9.08
C GLU A 127 -23.65 -10.01 8.01
N ASN A 128 -23.31 -11.26 7.70
CA ASN A 128 -24.02 -12.04 6.70
C ASN A 128 -25.42 -12.51 7.14
N LEU A 129 -25.66 -12.54 8.45
CA LEU A 129 -26.90 -13.09 9.01
C LEU A 129 -28.22 -12.53 8.42
N PRO A 130 -28.37 -11.19 8.36
CA PRO A 130 -29.62 -10.63 7.80
C PRO A 130 -29.92 -11.16 6.41
N LEU A 131 -28.88 -11.38 5.61
CA LEU A 131 -29.05 -11.93 4.27
C LEU A 131 -29.69 -13.32 4.31
N ILE A 132 -29.05 -14.25 5.02
CA ILE A 132 -29.55 -15.62 5.14
C ILE A 132 -30.98 -15.65 5.70
N THR A 133 -31.18 -14.95 6.81
CA THR A 133 -32.51 -14.89 7.42
C THR A 133 -33.56 -14.36 6.45
N LEU A 134 -33.20 -13.34 5.69
CA LEU A 134 -34.11 -12.79 4.67
C LEU A 134 -34.43 -13.83 3.59
N ILE A 135 -33.41 -14.57 3.15
CA ILE A 135 -33.59 -15.64 2.17
C ILE A 135 -34.59 -16.70 2.66
N VAL A 136 -34.28 -17.30 3.80
CA VAL A 136 -35.10 -18.34 4.39
C VAL A 136 -36.54 -17.85 4.63
N MET A 137 -36.66 -16.73 5.33
CA MET A 137 -37.95 -16.10 5.58
C MET A 137 -38.75 -15.88 4.30
N MET A 138 -38.06 -15.46 3.24
CA MET A 138 -38.68 -15.30 1.92
C MET A 138 -39.27 -16.61 1.40
N ALA A 139 -38.37 -17.55 1.13
CA ALA A 139 -38.76 -18.86 0.59
C ALA A 139 -39.91 -19.49 1.38
N ILE A 140 -39.80 -19.46 2.71
CA ILE A 140 -40.86 -19.94 3.58
C ILE A 140 -42.16 -19.15 3.43
N SER A 141 -42.08 -17.82 3.34
CA SER A 141 -43.25 -16.99 3.09
C SER A 141 -43.99 -17.44 1.81
N TRP A 142 -43.21 -17.76 0.78
CA TRP A 142 -43.76 -18.34 -0.43
C TRP A 142 -44.46 -19.66 -0.12
N GLY A 143 -43.78 -20.51 0.66
CA GLY A 143 -44.38 -21.75 1.12
C GLY A 143 -45.71 -21.58 1.84
N LEU A 144 -45.89 -20.41 2.47
CA LEU A 144 -47.14 -20.07 3.14
C LEU A 144 -48.13 -19.45 2.16
N GLU A 145 -47.62 -18.97 1.02
CA GLU A 145 -48.52 -18.57 -0.06
C GLU A 145 -48.91 -19.81 -0.85
N GLN A 146 -48.36 -20.96 -0.45
CA GLN A 146 -48.82 -22.24 -1.02
C GLN A 146 -50.03 -22.87 -0.29
N PHE A 147 -50.13 -22.71 1.04
CA PHE A 147 -51.37 -23.04 1.75
C PHE A 147 -51.78 -21.85 2.61
N ASN A 148 -53.05 -21.44 2.53
CA ASN A 148 -53.54 -20.31 3.32
C ASN A 148 -52.79 -19.03 2.95
N HIS A 149 -53.14 -18.44 1.80
CA HIS A 149 -52.56 -17.17 1.36
C HIS A 149 -52.54 -16.06 2.44
N PRO A 150 -53.72 -15.73 3.02
CA PRO A 150 -53.73 -14.54 3.89
C PRO A 150 -52.74 -14.64 5.06
N PHE A 151 -52.58 -15.85 5.57
CA PHE A 151 -51.58 -16.12 6.58
C PHE A 151 -50.17 -15.95 6.01
N GLY A 152 -50.01 -16.18 4.72
CA GLY A 152 -48.72 -16.04 4.06
C GLY A 152 -48.31 -14.60 3.82
N GLN A 153 -49.31 -13.74 3.52
CA GLN A 153 -49.06 -12.32 3.27
C GLN A 153 -48.52 -11.64 4.53
N LEU A 154 -49.02 -12.07 5.68
CA LEU A 154 -48.52 -11.57 6.96
C LEU A 154 -47.06 -11.97 7.10
N ALA A 155 -46.74 -13.20 6.69
CA ALA A 155 -45.38 -13.70 6.74
C ALA A 155 -44.46 -12.90 5.81
N PHE A 156 -44.98 -12.51 4.66
CA PHE A 156 -44.26 -11.65 3.74
C PHE A 156 -44.01 -10.28 4.39
N ILE A 157 -45.06 -9.64 4.90
CA ILE A 157 -44.93 -8.38 5.65
C ILE A 157 -43.86 -8.50 6.76
N ALA A 158 -43.77 -9.68 7.38
CA ALA A 158 -42.72 -9.96 8.35
C ALA A 158 -41.34 -9.93 7.70
N THR A 159 -41.19 -10.63 6.58
CA THR A 159 -39.93 -10.62 5.82
C THR A 159 -39.49 -9.20 5.41
N THR A 160 -40.41 -8.48 4.76
CA THR A 160 -40.23 -7.11 4.34
C THR A 160 -39.80 -6.23 5.51
N LEU A 161 -40.52 -6.31 6.61
CA LEU A 161 -40.20 -5.49 7.80
C LEU A 161 -38.85 -5.81 8.45
N VAL A 162 -38.54 -7.09 8.58
CA VAL A 162 -37.27 -7.50 9.19
C VAL A 162 -36.08 -7.15 8.30
N GLY A 163 -36.27 -7.20 6.99
CA GLY A 163 -35.22 -6.83 6.06
C GLY A 163 -35.09 -5.32 5.95
N LEU A 164 -36.21 -4.63 6.20
CA LEU A 164 -36.30 -3.18 6.08
C LEU A 164 -35.78 -2.50 7.34
N TYR A 165 -35.71 -3.25 8.45
CA TYR A 165 -35.37 -2.63 9.72
C TYR A 165 -34.02 -1.89 9.78
N PRO A 166 -32.91 -2.58 9.48
CA PRO A 166 -31.64 -1.87 9.62
C PRO A 166 -31.52 -0.71 8.65
N ILE A 167 -32.12 -0.85 7.47
CA ILE A 167 -32.08 0.17 6.43
C ILE A 167 -32.91 1.40 6.82
N ALA A 168 -34.02 1.16 7.52
CA ALA A 168 -34.88 2.25 7.95
C ALA A 168 -34.23 3.08 9.06
N ARG A 169 -33.68 2.40 10.07
CA ARG A 169 -33.01 3.08 11.17
C ARG A 169 -31.70 3.73 10.73
N GLN A 170 -31.00 3.09 9.79
CA GLN A 170 -29.78 3.66 9.22
C GLN A 170 -30.11 4.96 8.49
N ALA A 171 -31.12 4.91 7.63
CA ALA A 171 -31.58 6.10 6.94
C ALA A 171 -32.02 7.17 7.94
N LEU A 172 -32.82 6.76 8.92
CA LEU A 172 -33.30 7.66 9.97
C LEU A 172 -32.18 8.42 10.68
N ARG A 173 -31.05 7.75 10.89
CA ARG A 173 -29.88 8.38 11.49
C ARG A 173 -29.26 9.39 10.54
N LEU A 174 -29.33 9.08 9.24
CA LEU A 174 -28.78 9.95 8.20
C LEU A 174 -29.58 11.25 8.07
N ILE A 175 -30.91 11.18 8.25
CA ILE A 175 -31.77 12.36 8.20
C ILE A 175 -31.42 13.32 9.34
N LYS A 176 -31.08 12.75 10.50
CA LYS A 176 -30.65 13.52 11.66
C LYS A 176 -29.32 14.23 11.37
N SER A 177 -28.43 13.57 10.64
CA SER A 177 -27.13 14.14 10.33
C SER A 177 -27.15 15.04 9.08
N GLY A 178 -28.31 15.64 8.79
CA GLY A 178 -28.44 16.58 7.69
C GLY A 178 -28.72 15.94 6.34
N SER A 179 -28.19 14.74 6.14
CA SER A 179 -28.34 14.03 4.87
C SER A 179 -29.73 13.44 4.67
N TYR A 180 -30.59 14.16 3.94
CA TYR A 180 -31.99 13.75 3.78
C TYR A 180 -32.19 12.66 2.73
N PHE A 181 -31.44 12.73 1.64
CA PHE A 181 -31.75 11.94 0.45
C PHE A 181 -30.69 10.92 0.03
N ALA A 182 -30.12 10.19 0.98
CA ALA A 182 -29.29 9.04 0.64
C ALA A 182 -30.20 7.96 0.06
N ILE A 183 -29.62 6.97 -0.61
CA ILE A 183 -30.40 5.91 -1.25
C ILE A 183 -31.23 5.12 -0.24
N GLU A 184 -30.74 5.07 1.00
CA GLU A 184 -31.43 4.39 2.08
C GLU A 184 -32.83 4.97 2.29
N THR A 185 -32.94 6.29 2.16
CA THR A 185 -34.22 6.98 2.28
C THR A 185 -35.20 6.48 1.25
N LEU A 186 -34.78 6.51 -0.01
CA LEU A 186 -35.58 6.02 -1.13
C LEU A 186 -36.03 4.60 -0.89
N MET A 187 -35.09 3.76 -0.48
CA MET A 187 -35.37 2.35 -0.21
C MET A 187 -36.43 2.14 0.85
N SER A 188 -36.26 2.82 1.99
CA SER A 188 -37.16 2.70 3.12
C SER A 188 -38.57 3.23 2.82
N VAL A 189 -38.62 4.41 2.19
CA VAL A 189 -39.88 5.01 1.77
C VAL A 189 -40.61 4.09 0.80
N ALA A 190 -39.90 3.60 -0.21
CA ALA A 190 -40.48 2.70 -1.21
C ALA A 190 -40.99 1.40 -0.60
N ALA A 191 -40.27 0.86 0.37
CA ALA A 191 -40.71 -0.33 1.09
C ALA A 191 -41.99 -0.07 1.91
N ILE A 192 -41.97 1.00 2.70
CA ILE A 192 -43.12 1.39 3.52
C ILE A 192 -44.37 1.62 2.68
N GLY A 193 -44.18 2.25 1.51
CA GLY A 193 -45.28 2.45 0.58
C GLY A 193 -45.77 1.15 0.00
N ALA A 194 -44.84 0.30 -0.43
CA ALA A 194 -45.19 -1.02 -0.96
C ALA A 194 -45.93 -1.91 0.04
N LEU A 195 -45.74 -1.64 1.34
CA LEU A 195 -46.51 -2.36 2.35
C LEU A 195 -48.01 -2.04 2.29
N PHE A 196 -48.35 -0.77 2.12
CA PHE A 196 -49.75 -0.34 2.14
C PHE A 196 -50.50 -0.82 0.89
N ILE A 197 -49.75 -1.30 -0.11
CA ILE A 197 -50.34 -1.69 -1.38
C ILE A 197 -50.10 -3.17 -1.74
N GLY A 198 -49.75 -3.97 -0.75
CA GLY A 198 -49.59 -5.40 -0.94
C GLY A 198 -48.57 -5.79 -1.99
N ALA A 199 -47.57 -4.94 -2.18
CA ALA A 199 -46.46 -5.24 -3.07
C ALA A 199 -45.32 -5.82 -2.24
N THR A 200 -45.69 -6.70 -1.31
CA THR A 200 -44.77 -7.23 -0.31
C THR A 200 -43.71 -8.17 -0.89
N ALA A 201 -44.12 -9.01 -1.84
CA ALA A 201 -43.18 -9.91 -2.50
C ALA A 201 -42.12 -9.11 -3.28
N GLU A 202 -42.59 -8.09 -3.99
CA GLU A 202 -41.70 -7.22 -4.76
C GLU A 202 -40.73 -6.42 -3.87
N ALA A 203 -41.27 -5.80 -2.83
CA ALA A 203 -40.46 -5.03 -1.89
C ALA A 203 -39.44 -5.94 -1.22
N ALA A 204 -39.86 -7.16 -0.92
CA ALA A 204 -38.95 -8.17 -0.40
C ALA A 204 -37.82 -8.42 -1.40
N MET A 205 -38.18 -8.65 -2.66
CA MET A 205 -37.18 -8.87 -3.72
C MET A 205 -36.15 -7.76 -3.80
N VAL A 206 -36.62 -6.52 -3.93
CA VAL A 206 -35.72 -5.37 -4.05
C VAL A 206 -34.85 -5.21 -2.78
N LEU A 207 -35.43 -5.50 -1.62
CA LEU A 207 -34.67 -5.52 -0.38
C LEU A 207 -33.57 -6.55 -0.41
N LEU A 208 -33.85 -7.70 -1.02
CA LEU A 208 -32.87 -8.76 -1.14
C LEU A 208 -31.72 -8.30 -2.01
N LEU A 209 -32.04 -7.78 -3.19
CA LEU A 209 -31.02 -7.24 -4.09
C LEU A 209 -30.14 -6.18 -3.40
N PHE A 210 -30.80 -5.26 -2.69
CA PHE A 210 -30.08 -4.22 -1.95
C PHE A 210 -29.14 -4.82 -0.91
N LEU A 211 -29.63 -5.84 -0.20
CA LEU A 211 -28.82 -6.48 0.82
C LEU A 211 -27.61 -7.16 0.21
N ILE A 212 -27.79 -7.78 -0.95
CA ILE A 212 -26.68 -8.39 -1.67
C ILE A 212 -25.65 -7.34 -2.06
N GLY A 213 -26.12 -6.20 -2.57
CA GLY A 213 -25.21 -5.11 -2.89
C GLY A 213 -24.41 -4.61 -1.69
N GLU A 214 -25.12 -4.37 -0.59
CA GLU A 214 -24.53 -3.94 0.66
C GLU A 214 -23.47 -4.93 1.12
N ARG A 215 -23.79 -6.22 1.09
CA ARG A 215 -22.84 -7.23 1.55
C ARG A 215 -21.63 -7.38 0.64
N LEU A 216 -21.86 -7.45 -0.67
CA LEU A 216 -20.77 -7.43 -1.64
C LEU A 216 -19.82 -6.26 -1.35
N GLU A 217 -20.40 -5.09 -1.09
CA GLU A 217 -19.60 -3.91 -0.74
C GLU A 217 -18.82 -4.12 0.56
N GLY A 218 -19.47 -4.71 1.54
CA GLY A 218 -18.87 -4.95 2.85
C GLY A 218 -17.69 -5.89 2.79
N TRP A 219 -17.77 -6.90 1.92
CA TRP A 219 -16.70 -7.88 1.77
C TRP A 219 -15.47 -7.25 1.10
N ALA A 220 -15.69 -6.14 0.42
CA ALA A 220 -14.59 -5.43 -0.25
C ALA A 220 -14.02 -4.34 0.64
N ALA A 221 -13.83 -4.67 1.91
CA ALA A 221 -13.30 -3.70 2.88
C ALA A 221 -11.99 -4.17 3.48
N SER A 222 -11.07 -3.23 3.69
CA SER A 222 -9.75 -3.53 4.25
C SER A 222 -9.84 -4.03 5.70
N ARG A 223 -9.22 -5.18 5.96
CA ARG A 223 -9.16 -5.71 7.31
C ARG A 223 -8.05 -5.03 8.11
N VAL A 228 -0.21 -0.28 13.65
CA VAL A 228 1.18 0.08 13.45
C VAL A 228 2.12 -0.76 14.33
N SER A 229 1.73 -2.01 14.55
CA SER A 229 2.50 -2.92 15.40
C SER A 229 3.95 -3.11 14.93
N ALA A 230 4.10 -3.36 13.63
CA ALA A 230 5.43 -3.60 13.04
C ALA A 230 6.39 -2.44 13.30
N LEU A 231 5.84 -1.23 13.39
CA LEU A 231 6.67 -0.06 13.66
C LEU A 231 6.88 0.10 15.17
N MET A 232 5.93 -0.39 15.95
CA MET A 232 6.03 -0.37 17.41
C MET A 232 7.15 -1.31 17.88
N ALA A 233 7.35 -2.39 17.13
CA ALA A 233 8.40 -3.35 17.44
C ALA A 233 9.79 -2.78 17.19
N LEU A 234 9.86 -1.61 16.56
CA LEU A 234 11.14 -0.97 16.32
C LEU A 234 11.66 -0.25 17.56
N LYS A 235 10.75 0.19 18.41
CA LYS A 235 11.14 0.75 19.70
C LYS A 235 11.34 -0.39 20.70
N PRO A 236 12.56 -0.52 21.24
CA PRO A 236 12.76 -1.53 22.29
C PRO A 236 11.93 -1.17 23.52
N GLU A 237 11.75 -2.11 24.44
CA GLU A 237 10.91 -1.87 25.61
C GLU A 237 11.74 -1.36 26.78
N THR A 238 12.95 -1.90 26.89
CA THR A 238 13.87 -1.50 27.93
C THR A 238 15.16 -0.93 27.33
N ALA A 239 15.81 -0.04 28.07
CA ALA A 239 17.13 0.43 27.71
C ALA A 239 18.10 0.12 28.85
N THR A 240 19.40 0.12 28.55
CA THR A 240 20.43 -0.06 29.57
C THR A 240 21.10 1.27 29.86
N ARG A 241 20.84 1.81 31.04
CA ARG A 241 21.35 3.13 31.42
C ARG A 241 22.56 2.99 32.33
N LEU A 242 23.51 3.91 32.18
CA LEU A 242 24.74 3.91 32.96
C LEU A 242 24.76 5.07 33.94
N ARG A 243 24.95 4.73 35.22
CA ARG A 243 25.06 5.73 36.28
C ARG A 243 26.05 5.21 37.32
N ASN A 244 27.02 6.05 37.68
CA ASN A 244 28.00 5.72 38.71
C ASN A 244 28.81 4.45 38.42
N GLY A 245 28.92 4.10 37.15
CA GLY A 245 29.57 2.86 36.76
C GLY A 245 28.73 1.66 37.16
N GLU A 246 27.42 1.81 37.05
CA GLU A 246 26.49 0.72 37.32
C GLU A 246 25.43 0.65 36.23
N ARG A 247 25.17 -0.54 35.73
CA ARG A 247 24.19 -0.74 34.66
C ARG A 247 22.80 -1.00 35.22
N GLU A 248 21.79 -0.36 34.65
CA GLU A 248 20.42 -0.59 35.09
C GLU A 248 19.45 -0.67 33.92
N GLU A 249 18.58 -1.68 33.94
CA GLU A 249 17.58 -1.86 32.89
C GLU A 249 16.33 -1.06 33.23
N VAL A 250 16.05 -0.05 32.41
CA VAL A 250 14.93 0.84 32.69
C VAL A 250 13.92 0.89 31.56
N ALA A 251 12.71 1.36 31.87
CA ALA A 251 11.69 1.59 30.84
C ALA A 251 12.17 2.68 29.89
N ILE A 252 11.83 2.54 28.62
CA ILE A 252 12.31 3.45 27.57
C ILE A 252 11.93 4.91 27.83
N ASN A 253 10.86 5.12 28.59
CA ASN A 253 10.36 6.46 28.88
C ASN A 253 10.99 7.05 30.14
N SER A 254 11.77 6.24 30.84
CA SER A 254 12.51 6.72 32.00
C SER A 254 13.72 7.50 31.52
N LEU A 255 14.12 7.24 30.28
CA LEU A 255 15.29 7.88 29.69
C LEU A 255 15.13 9.39 29.55
N ARG A 256 16.11 10.12 30.07
CA ARG A 256 16.11 11.58 30.07
C ARG A 256 17.30 12.04 29.25
N PRO A 257 17.14 13.14 28.50
CA PRO A 257 18.27 13.73 27.75
C PRO A 257 19.47 13.95 28.67
N GLY A 258 20.66 13.52 28.25
CA GLY A 258 21.84 13.60 29.08
C GLY A 258 22.20 12.26 29.71
N ASP A 259 21.23 11.36 29.83
CA ASP A 259 21.49 10.02 30.30
C ASP A 259 22.50 9.35 29.38
N VAL A 260 23.33 8.48 29.94
CA VAL A 260 24.23 7.69 29.13
C VAL A 260 23.65 6.28 28.99
N ILE A 261 23.25 5.93 27.77
CA ILE A 261 22.72 4.60 27.50
C ILE A 261 23.75 3.77 26.76
N GLU A 262 23.66 2.46 26.89
CA GLU A 262 24.59 1.57 26.23
C GLU A 262 23.84 0.58 25.34
N VAL A 263 24.13 0.63 24.04
CA VAL A 263 23.50 -0.27 23.09
C VAL A 263 24.46 -1.40 22.72
N ALA A 264 24.00 -2.64 22.87
CA ALA A 264 24.81 -3.81 22.54
C ALA A 264 24.94 -3.95 21.04
N ALA A 265 25.81 -4.86 20.60
CA ALA A 265 25.93 -5.13 19.17
C ALA A 265 24.66 -5.77 18.63
N GLY A 266 24.13 -5.20 17.56
CA GLY A 266 22.91 -5.71 16.97
C GLY A 266 21.66 -5.09 17.56
N GLY A 267 21.84 -4.28 18.59
CA GLY A 267 20.71 -3.67 19.26
C GLY A 267 20.29 -2.36 18.64
N ARG A 268 19.01 -2.02 18.78
CA ARG A 268 18.50 -0.76 18.24
C ARG A 268 18.61 0.36 19.27
N LEU A 269 18.89 1.58 18.80
CA LEU A 269 18.88 2.73 19.68
C LEU A 269 17.45 3.01 20.17
N PRO A 270 17.26 3.09 21.50
CA PRO A 270 15.94 3.36 22.07
C PRO A 270 15.59 4.83 21.93
N ALA A 271 16.59 5.66 21.66
CA ALA A 271 16.38 7.11 21.54
C ALA A 271 17.44 7.74 20.65
N ASP A 272 17.22 8.98 20.26
CA ASP A 272 18.23 9.72 19.50
C ASP A 272 19.40 9.99 20.43
N GLY A 273 20.59 9.54 20.05
CA GLY A 273 21.76 9.70 20.88
C GLY A 273 22.92 10.39 20.19
N LYS A 274 23.81 10.95 21.00
CA LYS A 274 25.07 11.51 20.54
C LYS A 274 26.17 10.53 20.94
N LEU A 275 26.88 10.02 19.94
CA LEU A 275 27.94 9.03 20.18
C LEU A 275 28.98 9.54 21.17
N LEU A 276 29.21 8.79 22.24
CA LEU A 276 30.28 9.09 23.19
C LEU A 276 31.50 8.25 22.85
N SER A 277 31.26 7.06 22.30
CA SER A 277 32.34 6.20 21.85
C SER A 277 33.18 6.91 20.78
N PRO A 278 34.47 6.59 20.72
CA PRO A 278 35.35 7.22 19.71
C PRO A 278 34.91 6.93 18.29
N PHE A 279 34.46 5.70 18.02
CA PHE A 279 34.11 5.29 16.67
CA PHE A 279 34.11 5.29 16.67
C PHE A 279 33.13 4.13 16.67
N ALA A 280 32.22 4.13 15.70
CA ALA A 280 31.26 3.03 15.53
C ALA A 280 30.58 3.10 14.18
N SER A 281 30.17 1.95 13.64
CA SER A 281 29.35 1.94 12.44
C SER A 281 27.90 1.63 12.78
N PHE A 282 26.96 2.22 12.03
CA PHE A 282 25.53 2.01 12.28
C PHE A 282 24.76 1.66 11.03
N ASP A 283 23.82 0.73 11.17
CA ASP A 283 22.84 0.47 10.14
C ASP A 283 21.65 1.42 10.39
N GLU A 284 21.58 2.48 9.59
CA GLU A 284 20.53 3.48 9.73
C GLU A 284 19.48 3.32 8.62
N SER A 285 19.21 2.07 8.24
CA SER A 285 18.33 1.80 7.12
C SER A 285 16.89 2.24 7.40
N ALA A 286 16.52 2.30 8.68
CA ALA A 286 15.17 2.69 9.05
C ALA A 286 14.89 4.16 8.73
N LEU A 287 15.94 4.89 8.34
CA LEU A 287 15.77 6.29 7.95
C LEU A 287 16.20 6.59 6.51
N THR A 288 17.04 5.73 5.96
CA THR A 288 17.68 5.99 4.67
C THR A 288 17.37 4.87 3.69
N GLY A 289 17.02 3.70 4.22
CA GLY A 289 16.72 2.54 3.40
C GLY A 289 17.98 1.80 3.00
N GLU A 290 19.13 2.35 3.40
CA GLU A 290 20.42 1.77 3.07
C GLU A 290 20.99 0.97 4.23
N SER A 291 21.38 -0.28 3.97
CA SER A 291 21.91 -1.13 5.04
C SER A 291 23.43 -1.00 5.17
N ILE A 292 24.07 -0.28 4.25
CA ILE A 292 25.49 -0.01 4.32
C ILE A 292 25.82 0.80 5.57
N PRO A 293 26.59 0.19 6.50
CA PRO A 293 26.88 0.78 7.81
C PRO A 293 27.57 2.13 7.70
N VAL A 294 27.12 3.09 8.49
CA VAL A 294 27.64 4.46 8.43
C VAL A 294 28.68 4.71 9.52
N GLU A 295 29.88 5.11 9.12
CA GLU A 295 30.95 5.40 10.10
C GLU A 295 30.64 6.69 10.86
N ARG A 296 30.66 6.61 12.19
CA ARG A 296 30.33 7.73 13.05
C ARG A 296 31.39 7.85 14.14
N ALA A 297 31.72 9.10 14.50
CA ALA A 297 32.74 9.37 15.51
C ALA A 297 32.16 10.24 16.62
N THR A 298 32.91 10.40 17.70
CA THR A 298 32.48 11.14 18.88
C THR A 298 31.80 12.47 18.58
N GLY A 299 30.56 12.63 19.03
CA GLY A 299 29.85 13.88 18.83
C GLY A 299 28.79 13.79 17.75
N ASP A 300 28.94 12.81 16.84
CA ASP A 300 27.96 12.60 15.79
C ASP A 300 26.64 12.12 16.34
N LYS A 301 25.55 12.65 15.79
CA LYS A 301 24.21 12.23 16.19
C LYS A 301 23.83 10.91 15.53
N VAL A 302 23.30 9.99 16.34
CA VAL A 302 22.78 8.73 15.82
C VAL A 302 21.29 8.62 16.15
N PRO A 303 20.45 8.43 15.11
CA PRO A 303 18.99 8.45 15.27
C PRO A 303 18.43 7.17 15.86
N ALA A 304 17.35 7.26 16.63
CA ALA A 304 16.68 6.07 17.16
C ALA A 304 16.28 5.10 16.05
N GLY A 305 16.33 3.81 16.36
CA GLY A 305 16.02 2.80 15.36
C GLY A 305 17.27 2.33 14.64
N ALA A 306 18.34 3.12 14.72
CA ALA A 306 19.61 2.71 14.13
C ALA A 306 20.13 1.46 14.81
N THR A 307 20.96 0.70 14.11
CA THR A 307 21.51 -0.53 14.66
C THR A 307 23.04 -0.49 14.74
N SER A 308 23.57 -0.68 15.95
CA SER A 308 25.01 -0.82 16.14
C SER A 308 25.45 -2.17 15.57
N VAL A 309 26.25 -2.14 14.52
CA VAL A 309 26.48 -3.34 13.71
C VAL A 309 27.45 -4.37 14.30
N ASP A 310 28.58 -3.92 14.81
CA ASP A 310 29.66 -4.83 15.23
C ASP A 310 30.01 -4.69 16.70
N ARG A 311 30.11 -3.46 17.18
CA ARG A 311 30.60 -3.19 18.52
C ARG A 311 29.49 -2.84 19.51
N LEU A 312 29.92 -2.52 20.72
CA LEU A 312 29.02 -2.08 21.78
C LEU A 312 29.28 -0.60 22.01
N VAL A 313 28.22 0.21 21.98
CA VAL A 313 28.39 1.65 22.01
C VAL A 313 27.78 2.31 23.25
N THR A 314 28.24 3.52 23.53
CA THR A 314 27.60 4.33 24.55
C THR A 314 27.18 5.63 23.88
N LEU A 315 26.01 6.15 24.28
CA LEU A 315 25.50 7.39 23.71
C LEU A 315 24.84 8.25 24.77
N GLU A 316 24.89 9.57 24.55
CA GLU A 316 24.13 10.50 25.37
C GLU A 316 22.74 10.67 24.75
N VAL A 317 21.70 10.32 25.49
CA VAL A 317 20.35 10.50 24.98
C VAL A 317 20.11 11.97 24.65
N LEU A 318 19.54 12.23 23.47
CA LEU A 318 19.27 13.59 23.00
C LEU A 318 17.78 13.89 22.99
N SER A 319 16.97 12.87 22.78
CA SER A 319 15.53 13.04 22.58
C SER A 319 14.70 12.76 23.83
N GLU A 320 13.63 13.52 24.02
CA GLU A 320 12.66 13.28 25.08
C GLU A 320 11.92 11.97 24.76
N PRO A 321 11.24 11.37 25.75
CA PRO A 321 10.45 10.17 25.44
C PRO A 321 9.33 10.50 24.46
N GLY A 322 9.12 9.64 23.47
CA GLY A 322 8.06 9.86 22.51
C GLY A 322 8.43 10.86 21.43
N ALA A 323 9.68 11.31 21.44
CA ALA A 323 10.16 12.30 20.48
C ALA A 323 11.38 11.86 19.68
N SER A 324 11.54 10.53 19.52
CA SER A 324 12.67 9.99 18.76
C SER A 324 12.42 9.99 17.24
N ALA A 325 13.39 9.50 16.48
CA ALA A 325 13.26 9.44 15.02
C ALA A 325 12.12 8.51 14.58
N ILE A 326 12.01 7.38 15.28
CA ILE A 326 10.95 6.41 15.04
C ILE A 326 9.58 7.06 15.31
N ASP A 327 9.48 7.72 16.47
CA ASP A 327 8.29 8.46 16.85
C ASP A 327 7.89 9.50 15.79
N ARG A 328 8.88 10.19 15.25
CA ARG A 328 8.64 11.17 14.18
C ARG A 328 8.11 10.49 12.92
N ILE A 329 8.64 9.31 12.60
CA ILE A 329 8.09 8.50 11.50
C ILE A 329 6.60 8.19 11.71
N LEU A 330 6.29 7.61 12.88
CA LEU A 330 4.92 7.36 13.32
C LEU A 330 3.99 8.58 13.15
N LYS A 331 4.48 9.73 13.59
CA LYS A 331 3.71 10.97 13.47
C LYS A 331 3.47 11.31 11.99
N LEU A 332 4.49 11.12 11.15
CA LEU A 332 4.32 11.35 9.72
C LEU A 332 3.23 10.46 9.11
N ILE A 333 3.25 9.19 9.50
CA ILE A 333 2.27 8.22 9.04
C ILE A 333 0.84 8.61 9.47
N GLU A 334 0.68 8.91 10.76
CA GLU A 334 -0.62 9.34 11.29
C GLU A 334 -1.14 10.59 10.61
N GLU A 335 -0.30 11.60 10.47
CA GLU A 335 -0.69 12.83 9.78
C GLU A 335 -1.13 12.56 8.34
N ALA A 336 -0.31 11.78 7.62
CA ALA A 336 -0.62 11.40 6.25
C ALA A 336 -1.99 10.71 6.15
N GLU A 337 -2.25 9.81 7.08
CA GLU A 337 -3.52 9.09 7.12
C GLU A 337 -4.69 10.04 7.43
N GLU A 338 -4.44 11.04 8.28
CA GLU A 338 -5.48 11.99 8.66
C GLU A 338 -5.83 12.95 7.51
N ARG A 339 -4.82 13.30 6.71
CA ARG A 339 -5.03 14.20 5.58
C ARG A 339 -5.67 13.50 4.38
N ARG A 340 -5.82 12.18 4.47
CA ARG A 340 -6.50 11.42 3.42
C ARG A 340 -7.99 11.73 3.38
N ALA A 341 -8.44 12.28 2.26
CA ALA A 341 -9.85 12.59 2.08
C ALA A 341 -10.62 11.37 1.59
N PRO A 342 -11.73 11.04 2.27
CA PRO A 342 -12.57 9.93 1.85
C PRO A 342 -13.25 10.24 0.52
N ILE A 343 -13.22 9.28 -0.41
CA ILE A 343 -13.89 9.46 -1.69
C ILE A 343 -15.37 9.06 -1.55
N GLU A 344 -16.26 9.87 -2.11
CA GLU A 344 -17.68 9.58 -2.03
C GLU A 344 -18.08 8.59 -3.13
N ARG A 345 -18.94 7.64 -2.78
CA ARG A 345 -19.43 6.66 -3.74
C ARG A 345 -20.20 7.36 -4.85
N PHE A 346 -20.28 6.74 -6.03
CA PHE A 346 -21.11 7.28 -7.10
C PHE A 346 -22.57 7.29 -6.68
N ILE A 347 -22.97 6.23 -5.96
CA ILE A 347 -24.38 6.02 -5.67
C ILE A 347 -24.98 7.10 -4.76
N ASP A 348 -24.15 7.76 -3.97
CA ASP A 348 -24.64 8.78 -3.05
C ASP A 348 -24.72 10.15 -3.73
N ARG A 349 -23.72 10.45 -4.54
CA ARG A 349 -23.73 11.63 -5.38
C ARG A 349 -24.95 11.58 -6.30
N PHE A 350 -25.23 10.37 -6.78
CA PHE A 350 -26.39 10.13 -7.65
C PHE A 350 -27.68 10.29 -6.87
N SER A 351 -27.81 9.51 -5.80
CA SER A 351 -29.01 9.50 -4.96
C SER A 351 -29.39 10.91 -4.50
N ARG A 352 -28.39 11.73 -4.26
CA ARG A 352 -28.63 13.11 -3.83
C ARG A 352 -29.47 13.94 -4.82
N ILE A 353 -29.55 13.47 -6.06
CA ILE A 353 -30.35 14.13 -7.09
C ILE A 353 -31.52 13.26 -7.57
N TYR A 354 -31.22 11.98 -7.80
CA TYR A 354 -32.21 11.01 -8.24
C TYR A 354 -33.32 10.78 -7.21
N THR A 355 -32.93 10.51 -5.96
CA THR A 355 -33.91 10.22 -4.90
C THR A 355 -34.94 11.35 -4.66
N PRO A 356 -34.47 12.61 -4.52
CA PRO A 356 -35.50 13.65 -4.36
C PRO A 356 -36.29 13.89 -5.63
N ALA A 357 -35.76 13.46 -6.78
CA ALA A 357 -36.44 13.66 -8.05
C ALA A 357 -37.64 12.73 -8.17
N ILE A 358 -37.37 11.42 -8.10
CA ILE A 358 -38.44 10.44 -8.28
C ILE A 358 -39.49 10.49 -7.16
N MET A 359 -39.12 11.07 -6.02
CA MET A 359 -40.08 11.33 -4.95
C MET A 359 -41.02 12.46 -5.35
N ALA A 360 -40.46 13.50 -5.95
CA ALA A 360 -41.26 14.63 -6.42
C ALA A 360 -42.25 14.20 -7.51
N VAL A 361 -41.74 13.43 -8.48
CA VAL A 361 -42.57 12.94 -9.58
C VAL A 361 -43.71 12.07 -9.08
N ALA A 362 -43.38 11.14 -8.19
CA ALA A 362 -44.39 10.22 -7.63
C ALA A 362 -45.48 10.99 -6.88
N LEU A 363 -45.09 12.08 -6.23
CA LEU A 363 -46.04 12.99 -5.63
C LEU A 363 -46.95 13.59 -6.70
N LEU A 364 -46.36 13.88 -7.86
CA LEU A 364 -47.09 14.53 -8.95
C LEU A 364 -48.05 13.57 -9.66
N VAL A 365 -47.62 12.34 -9.90
CA VAL A 365 -48.49 11.34 -10.50
C VAL A 365 -49.63 10.97 -9.55
N THR A 366 -49.47 11.32 -8.28
CA THR A 366 -50.52 11.17 -7.28
C THR A 366 -51.46 12.37 -7.28
N LEU A 367 -50.89 13.56 -7.32
CA LEU A 367 -51.68 14.79 -7.23
C LEU A 367 -52.32 15.26 -8.54
N VAL A 368 -51.51 15.38 -9.58
CA VAL A 368 -51.98 15.93 -10.86
C VAL A 368 -53.23 15.28 -11.46
N PRO A 369 -53.28 13.93 -11.53
CA PRO A 369 -54.47 13.36 -12.17
C PRO A 369 -55.83 13.60 -11.45
N PRO A 370 -55.96 13.30 -10.14
CA PRO A 370 -57.28 13.55 -9.54
C PRO A 370 -57.63 15.03 -9.40
N LEU A 371 -56.61 15.88 -9.34
CA LEU A 371 -56.84 17.32 -9.20
C LEU A 371 -57.13 18.01 -10.52
N LEU A 372 -56.81 17.34 -11.63
CA LEU A 372 -57.03 17.95 -12.95
C LEU A 372 -57.88 17.10 -13.91
N PHE A 373 -58.04 15.82 -13.61
CA PHE A 373 -58.83 14.92 -14.46
C PHE A 373 -59.98 14.29 -13.67
N ALA A 374 -60.11 14.72 -12.41
CA ALA A 374 -61.14 14.20 -11.50
C ALA A 374 -61.13 12.67 -11.41
N ALA A 375 -59.93 12.11 -11.30
CA ALA A 375 -59.77 10.66 -11.26
C ALA A 375 -59.70 10.13 -9.83
N SER A 376 -59.64 8.82 -9.70
CA SER A 376 -59.64 8.16 -8.38
C SER A 376 -58.38 8.46 -7.56
N TRP A 377 -58.57 8.99 -6.36
CA TRP A 377 -57.46 9.25 -5.44
C TRP A 377 -56.71 7.97 -5.12
N GLN A 378 -57.48 6.91 -4.87
CA GLN A 378 -56.96 5.59 -4.56
C GLN A 378 -55.95 5.07 -5.60
N GLU A 379 -56.33 5.12 -6.88
CA GLU A 379 -55.51 4.53 -7.94
C GLU A 379 -54.23 5.34 -8.25
N TRP A 380 -54.28 6.65 -8.04
CA TRP A 380 -53.11 7.49 -8.30
C TRP A 380 -52.16 7.58 -7.11
N ILE A 381 -52.71 7.44 -5.90
CA ILE A 381 -51.89 7.29 -4.71
C ILE A 381 -51.14 5.96 -4.83
N TYR A 382 -51.90 4.90 -5.10
CA TYR A 382 -51.35 3.58 -5.38
C TYR A 382 -50.25 3.66 -6.44
N LYS A 383 -50.57 4.30 -7.57
CA LYS A 383 -49.63 4.42 -8.67
C LYS A 383 -48.34 5.17 -8.26
N GLY A 384 -48.50 6.25 -7.50
CA GLY A 384 -47.35 7.00 -7.01
C GLY A 384 -46.42 6.15 -6.16
N LEU A 385 -47.00 5.44 -5.18
CA LEU A 385 -46.18 4.56 -4.35
C LEU A 385 -45.49 3.47 -5.18
N THR A 386 -46.22 2.93 -6.15
CA THR A 386 -45.67 1.97 -7.10
C THR A 386 -44.47 2.55 -7.83
N LEU A 387 -44.52 3.85 -8.13
CA LEU A 387 -43.42 4.53 -8.79
C LEU A 387 -42.25 4.69 -7.84
N LEU A 388 -42.55 4.85 -6.56
CA LEU A 388 -41.49 4.88 -5.55
C LEU A 388 -40.75 3.54 -5.52
N LEU A 389 -41.50 2.43 -5.52
CA LEU A 389 -40.84 1.12 -5.51
C LEU A 389 -40.08 0.83 -6.81
N ILE A 390 -40.69 1.20 -7.94
CA ILE A 390 -40.07 1.04 -9.24
C ILE A 390 -38.76 1.82 -9.33
N GLY A 391 -38.77 3.03 -8.77
CA GLY A 391 -37.64 3.92 -8.81
C GLY A 391 -36.39 3.40 -8.11
N CYS A 392 -36.59 2.48 -7.16
CA CYS A 392 -35.46 1.86 -6.46
C CYS A 392 -34.54 1.19 -7.45
N PRO A 393 -33.33 1.73 -7.59
CA PRO A 393 -32.42 1.18 -8.58
C PRO A 393 -31.61 0.04 -8.00
N CYS A 394 -32.15 -1.17 -8.11
CA CYS A 394 -31.37 -2.37 -7.95
C CYS A 394 -30.33 -2.37 -9.07
N ALA A 395 -29.55 -3.44 -9.21
CA ALA A 395 -28.53 -3.50 -10.25
C ALA A 395 -27.46 -2.41 -10.08
N LEU A 396 -27.90 -1.18 -9.88
CA LEU A 396 -27.00 -0.07 -9.63
C LEU A 396 -26.25 -0.23 -8.32
N VAL A 397 -26.92 -0.73 -7.27
CA VAL A 397 -26.24 -0.92 -5.99
C VAL A 397 -25.25 -2.07 -6.10
N ILE A 398 -25.54 -3.05 -6.94
CA ILE A 398 -24.65 -4.18 -7.13
C ILE A 398 -23.66 -3.89 -8.27
N SER A 399 -23.91 -2.79 -8.98
CA SER A 399 -23.09 -2.38 -10.13
C SER A 399 -21.58 -2.23 -9.83
N THR A 400 -21.24 -1.29 -8.96
CA THR A 400 -19.83 -1.10 -8.59
C THR A 400 -19.22 -2.25 -7.74
N PRO A 401 -19.94 -2.70 -6.69
CA PRO A 401 -19.41 -3.83 -5.91
C PRO A 401 -19.10 -5.10 -6.70
N ALA A 402 -19.88 -5.41 -7.73
CA ALA A 402 -19.63 -6.61 -8.51
C ALA A 402 -18.31 -6.55 -9.27
N ALA A 403 -17.97 -5.37 -9.77
CA ALA A 403 -16.72 -5.20 -10.51
C ALA A 403 -15.51 -5.31 -9.59
N ILE A 404 -15.52 -4.52 -8.53
CA ILE A 404 -14.43 -4.51 -7.55
C ILE A 404 -14.16 -5.88 -6.94
N THR A 405 -15.22 -6.59 -6.56
CA THR A 405 -15.09 -7.95 -6.05
C THR A 405 -14.36 -8.86 -7.05
N SER A 406 -14.71 -8.72 -8.32
CA SER A 406 -14.08 -9.50 -9.38
C SER A 406 -12.63 -9.08 -9.56
N GLY A 407 -12.39 -7.77 -9.60
CA GLY A 407 -11.05 -7.23 -9.75
C GLY A 407 -10.10 -7.70 -8.66
N LEU A 408 -10.50 -7.51 -7.41
CA LEU A 408 -9.73 -7.96 -6.26
C LEU A 408 -9.48 -9.47 -6.32
N ALA A 409 -10.44 -10.21 -6.87
CA ALA A 409 -10.31 -11.66 -7.00
C ALA A 409 -9.37 -12.04 -8.13
N ALA A 410 -9.34 -11.20 -9.17
CA ALA A 410 -8.45 -11.42 -10.31
C ALA A 410 -6.99 -11.10 -9.97
N ALA A 411 -6.78 -9.97 -9.31
CA ALA A 411 -5.47 -9.56 -8.84
C ALA A 411 -4.86 -10.60 -7.90
N ALA A 412 -5.66 -11.06 -6.94
CA ALA A 412 -5.24 -12.07 -5.99
C ALA A 412 -4.78 -13.34 -6.70
N ARG A 413 -5.51 -13.72 -7.75
CA ARG A 413 -5.19 -14.93 -8.50
C ARG A 413 -3.83 -14.86 -9.20
N ARG A 414 -3.43 -13.67 -9.66
CA ARG A 414 -2.13 -13.51 -10.31
C ARG A 414 -1.12 -12.72 -9.49
N GLY A 415 -0.73 -13.27 -8.35
CA GLY A 415 0.38 -12.74 -7.57
C GLY A 415 0.33 -11.29 -7.12
N ALA A 416 -0.86 -10.70 -7.07
CA ALA A 416 -1.00 -9.35 -6.51
C ALA A 416 -1.70 -9.44 -5.17
N LEU A 417 -1.65 -8.36 -4.41
CA LEU A 417 -2.36 -8.31 -3.14
C LEU A 417 -2.89 -6.90 -2.94
N ILE A 418 -4.21 -6.75 -2.93
CA ILE A 418 -4.81 -5.44 -2.74
C ILE A 418 -5.75 -5.48 -1.55
N LYS A 419 -5.61 -4.50 -0.65
CA LYS A 419 -6.41 -4.47 0.57
C LYS A 419 -7.62 -3.54 0.45
N GLY A 420 -8.75 -4.07 0.00
CA GLY A 420 -9.96 -3.28 -0.09
C GLY A 420 -10.18 -2.64 -1.45
N GLY A 421 -11.44 -2.33 -1.74
CA GLY A 421 -11.83 -1.79 -3.04
C GLY A 421 -11.38 -0.37 -3.31
N ALA A 422 -11.35 0.46 -2.28
CA ALA A 422 -10.90 1.84 -2.43
C ALA A 422 -9.49 1.86 -3.00
N ALA A 423 -8.67 0.93 -2.54
CA ALA A 423 -7.32 0.77 -3.05
C ALA A 423 -7.35 0.47 -4.55
N LEU A 424 -8.28 -0.38 -4.97
CA LEU A 424 -8.38 -0.74 -6.38
C LEU A 424 -8.84 0.43 -7.24
N GLU A 425 -9.75 1.25 -6.70
CA GLU A 425 -10.20 2.45 -7.39
C GLU A 425 -9.09 3.49 -7.54
N GLN A 426 -8.39 3.76 -6.44
CA GLN A 426 -7.23 4.66 -6.48
C GLN A 426 -6.19 4.15 -7.49
N LEU A 427 -5.93 2.84 -7.45
CA LEU A 427 -5.02 2.20 -8.40
C LEU A 427 -5.52 2.48 -9.82
N GLY A 428 -6.83 2.45 -9.96
CA GLY A 428 -7.47 2.73 -11.24
C GLY A 428 -7.20 4.14 -11.73
N ARG A 429 -7.25 5.13 -10.83
CA ARG A 429 -7.05 6.51 -11.29
C ARG A 429 -5.61 7.03 -11.20
N VAL A 430 -4.62 6.15 -11.10
CA VAL A 430 -3.23 6.57 -10.96
C VAL A 430 -2.55 6.82 -12.32
N THR A 431 -1.66 7.82 -12.39
CA THR A 431 -0.94 8.15 -13.62
C THR A 431 0.56 8.41 -13.40
N GLN A 432 0.97 8.40 -12.14
CA GLN A 432 2.37 8.65 -11.75
C GLN A 432 2.85 7.57 -10.80
N VAL A 433 4.14 7.22 -10.87
CA VAL A 433 4.73 6.36 -9.86
C VAL A 433 6.01 6.95 -9.27
N ALA A 434 6.09 6.98 -7.95
CA ALA A 434 7.34 7.33 -7.27
C ALA A 434 7.98 6.05 -6.75
N PHE A 435 9.19 5.76 -7.19
CA PHE A 435 9.89 4.55 -6.77
C PHE A 435 10.91 4.81 -5.66
N ASP A 436 10.97 3.91 -4.70
CA ASP A 436 12.15 3.77 -3.88
C ASP A 436 13.19 3.14 -4.79
N LYS A 437 14.47 3.30 -4.46
CA LYS A 437 15.55 2.68 -5.25
C LYS A 437 16.01 1.34 -4.69
N THR A 438 16.68 1.40 -3.54
CA THR A 438 17.28 0.21 -2.95
C THR A 438 16.23 -0.79 -2.47
N GLY A 439 16.27 -1.99 -3.02
CA GLY A 439 15.35 -3.05 -2.63
C GLY A 439 14.06 -3.08 -3.44
N THR A 440 13.78 -1.95 -4.08
CA THR A 440 12.59 -1.81 -4.92
C THR A 440 12.98 -1.97 -6.38
N LEU A 441 13.64 -0.95 -6.94
CA LEU A 441 14.20 -1.05 -8.28
C LEU A 441 15.45 -1.95 -8.33
N THR A 442 16.22 -1.97 -7.25
CA THR A 442 17.45 -2.76 -7.20
C THR A 442 17.30 -3.93 -6.24
N VAL A 443 18.13 -4.96 -6.39
CA VAL A 443 18.07 -6.13 -5.52
C VAL A 443 18.38 -5.81 -4.05
N GLY A 444 19.00 -4.65 -3.82
CA GLY A 444 19.31 -4.23 -2.46
C GLY A 444 20.58 -4.83 -1.89
N LYS A 445 21.34 -5.55 -2.72
CA LYS A 445 22.62 -6.12 -2.30
C LYS A 445 23.75 -5.59 -3.18
N PRO A 446 24.89 -5.27 -2.57
CA PRO A 446 26.08 -4.93 -3.34
C PRO A 446 26.57 -6.15 -4.11
N ARG A 447 27.19 -5.89 -5.26
CA ARG A 447 27.66 -6.94 -6.15
C ARG A 447 28.93 -6.37 -6.74
N VAL A 448 29.99 -7.17 -6.86
CA VAL A 448 31.18 -6.65 -7.53
C VAL A 448 30.93 -6.54 -9.02
N THR A 449 31.34 -5.40 -9.59
CA THR A 449 31.10 -5.09 -11.00
C THR A 449 32.39 -5.10 -11.82
N ALA A 450 33.50 -4.76 -11.18
CA ALA A 450 34.80 -4.71 -11.84
C ALA A 450 35.95 -5.04 -10.87
N ILE A 451 37.02 -5.62 -11.41
CA ILE A 451 38.23 -5.92 -10.65
C ILE A 451 39.44 -5.41 -11.42
N HIS A 452 40.16 -4.45 -10.85
CA HIS A 452 41.30 -3.83 -11.55
C HIS A 452 42.62 -3.98 -10.77
N PRO A 453 43.40 -5.02 -11.11
CA PRO A 453 44.64 -5.31 -10.36
C PRO A 453 45.81 -4.50 -10.87
N ALA A 454 46.86 -4.40 -10.06
CA ALA A 454 48.10 -3.81 -10.52
C ALA A 454 48.82 -4.82 -11.41
N THR A 455 49.78 -4.34 -12.20
CA THR A 455 50.52 -5.21 -13.11
C THR A 455 51.32 -6.25 -12.34
N GLY A 456 51.31 -7.49 -12.83
CA GLY A 456 51.96 -8.59 -12.13
C GLY A 456 50.96 -9.36 -11.28
N ILE A 457 49.72 -8.86 -11.25
CA ILE A 457 48.66 -9.48 -10.48
C ILE A 457 47.45 -9.77 -11.37
N SER A 458 46.87 -10.96 -11.24
CA SER A 458 45.66 -11.31 -11.97
C SER A 458 44.44 -10.89 -11.15
N GLU A 459 43.30 -10.74 -11.83
CA GLU A 459 42.06 -10.34 -11.15
C GLU A 459 41.66 -11.38 -10.08
N SER A 460 41.83 -12.66 -10.41
CA SER A 460 41.55 -13.73 -9.46
C SER A 460 42.48 -13.74 -8.25
N GLU A 461 43.72 -13.26 -8.41
CA GLU A 461 44.64 -13.17 -7.27
C GLU A 461 44.22 -12.05 -6.33
N LEU A 462 43.94 -10.88 -6.91
CA LEU A 462 43.48 -9.75 -6.12
C LEU A 462 42.21 -10.13 -5.38
N LEU A 463 41.32 -10.83 -6.09
CA LEU A 463 40.03 -11.22 -5.56
C LEU A 463 40.16 -12.29 -4.48
N THR A 464 41.01 -13.28 -4.71
CA THR A 464 41.22 -14.34 -3.73
C THR A 464 41.88 -13.77 -2.47
N LEU A 465 42.67 -12.71 -2.63
CA LEU A 465 43.33 -12.07 -1.50
C LEU A 465 42.34 -11.24 -0.67
N ALA A 466 41.56 -10.41 -1.38
CA ALA A 466 40.52 -9.62 -0.74
C ALA A 466 39.53 -10.51 0.00
N ALA A 467 39.12 -11.59 -0.66
CA ALA A 467 38.23 -12.57 -0.05
C ALA A 467 38.89 -13.23 1.15
N ALA A 468 40.20 -13.48 1.04
CA ALA A 468 40.95 -14.03 2.16
C ALA A 468 40.90 -13.13 3.39
N VAL A 469 40.98 -11.81 3.18
CA VAL A 469 40.85 -10.89 4.31
C VAL A 469 39.41 -10.76 4.83
N GLU A 470 38.46 -10.59 3.91
CA GLU A 470 37.07 -10.29 4.23
C GLU A 470 36.25 -11.43 4.81
N GLN A 471 36.71 -12.67 4.61
CA GLN A 471 35.98 -13.84 5.09
C GLN A 471 35.57 -13.69 6.55
N GLY A 472 34.28 -13.94 6.84
CA GLY A 472 33.79 -13.82 8.19
C GLY A 472 33.19 -12.46 8.50
N ALA A 473 33.69 -11.42 7.86
CA ALA A 473 33.15 -10.08 8.05
C ALA A 473 31.68 -9.99 7.65
N THR A 474 30.93 -9.13 8.31
CA THR A 474 29.50 -9.01 8.07
C THR A 474 29.14 -7.87 7.11
N HIS A 475 30.07 -6.94 6.92
CA HIS A 475 29.87 -5.82 6.00
C HIS A 475 29.46 -6.33 4.63
N PRO A 476 28.31 -5.87 4.11
CA PRO A 476 27.75 -6.38 2.85
C PRO A 476 28.74 -6.38 1.69
N LEU A 477 29.66 -5.42 1.66
CA LEU A 477 30.71 -5.40 0.64
C LEU A 477 31.65 -6.60 0.78
N ALA A 478 32.02 -6.93 2.02
CA ALA A 478 32.81 -8.10 2.29
C ALA A 478 32.07 -9.35 1.81
N GLN A 479 30.78 -9.44 2.13
CA GLN A 479 29.99 -10.58 1.74
C GLN A 479 29.93 -10.71 0.23
N ALA A 480 29.86 -9.55 -0.44
CA ALA A 480 29.83 -9.52 -1.90
C ALA A 480 31.14 -10.06 -2.48
N ILE A 481 32.25 -9.61 -1.92
CA ILE A 481 33.57 -10.08 -2.33
C ILE A 481 33.74 -11.60 -2.12
N VAL A 482 33.39 -12.08 -0.93
CA VAL A 482 33.46 -13.51 -0.65
C VAL A 482 32.59 -14.30 -1.64
N ARG A 483 31.40 -13.78 -1.90
CA ARG A 483 30.48 -14.40 -2.86
C ARG A 483 31.12 -14.51 -4.24
N GLU A 484 31.69 -13.40 -4.70
CA GLU A 484 32.31 -13.34 -6.02
C GLU A 484 33.47 -14.33 -6.11
N ALA A 485 34.19 -14.49 -5.01
CA ALA A 485 35.24 -15.47 -4.94
C ALA A 485 34.68 -16.88 -5.05
N GLN A 486 33.54 -17.11 -4.40
CA GLN A 486 32.93 -18.43 -4.35
C GLN A 486 32.31 -18.90 -5.68
N VAL A 487 31.63 -18.00 -6.39
CA VAL A 487 31.02 -18.37 -7.66
C VAL A 487 32.08 -18.66 -8.72
N ALA A 488 33.30 -18.18 -8.48
CA ALA A 488 34.40 -18.37 -9.41
C ALA A 488 35.25 -19.58 -9.06
N GLU A 489 34.83 -20.32 -8.03
CA GLU A 489 35.54 -21.50 -7.56
C GLU A 489 36.99 -21.20 -7.16
N LEU A 490 37.21 -19.99 -6.67
CA LEU A 490 38.52 -19.61 -6.14
C LEU A 490 38.60 -20.00 -4.67
N ALA A 491 39.44 -20.99 -4.36
CA ALA A 491 39.63 -21.41 -2.97
C ALA A 491 40.16 -20.27 -2.10
N ILE A 492 39.40 -19.90 -1.07
CA ILE A 492 39.80 -18.83 -0.17
C ILE A 492 40.76 -19.36 0.90
N PRO A 493 42.02 -18.88 0.88
CA PRO A 493 43.02 -19.33 1.85
C PRO A 493 42.69 -18.82 3.25
N THR A 494 43.07 -19.57 4.27
CA THR A 494 42.83 -19.16 5.64
C THR A 494 43.59 -17.88 5.96
N ALA A 495 42.96 -16.97 6.71
CA ALA A 495 43.64 -15.76 7.15
C ALA A 495 43.96 -15.85 8.64
N GLU A 496 45.10 -15.29 9.03
CA GLU A 496 45.50 -15.26 10.44
C GLU A 496 45.51 -13.82 10.93
N SER A 497 45.31 -13.64 12.23
CA SER A 497 45.34 -12.32 12.85
C SER A 497 44.46 -11.31 12.12
N GLN A 498 43.24 -11.72 11.81
CA GLN A 498 42.25 -10.85 11.19
C GLN A 498 41.71 -9.85 12.22
N ARG A 499 41.58 -8.59 11.81
CA ARG A 499 41.18 -7.54 12.75
C ARG A 499 40.73 -6.27 12.03
N ALA A 500 40.04 -5.39 12.76
CA ALA A 500 39.69 -4.09 12.23
C ALA A 500 40.80 -3.07 12.48
N LEU A 501 41.25 -2.44 11.41
CA LEU A 501 42.17 -1.31 11.51
C LEU A 501 41.30 -0.06 11.56
N VAL A 502 40.97 0.35 12.78
CA VAL A 502 39.93 1.34 13.03
C VAL A 502 40.05 2.66 12.25
N GLY A 503 39.04 2.96 11.46
CA GLY A 503 39.00 4.21 10.71
C GLY A 503 39.80 4.15 9.43
N SER A 504 40.35 2.98 9.12
CA SER A 504 41.02 2.78 7.84
C SER A 504 40.28 1.71 7.04
N GLY A 505 40.24 0.49 7.58
CA GLY A 505 39.57 -0.62 6.92
C GLY A 505 39.69 -1.89 7.75
N ILE A 506 39.70 -3.05 7.09
CA ILE A 506 39.94 -4.29 7.83
C ILE A 506 41.19 -4.99 7.28
N GLU A 507 42.00 -5.53 8.18
CA GLU A 507 43.31 -6.03 7.84
C GLU A 507 43.49 -7.45 8.33
N ALA A 508 44.24 -8.25 7.58
CA ALA A 508 44.62 -9.58 8.04
C ALA A 508 45.95 -9.96 7.40
N GLN A 509 46.60 -10.99 7.91
CA GLN A 509 47.79 -11.47 7.22
C GLN A 509 47.52 -12.79 6.52
N VAL A 510 47.79 -12.80 5.22
CA VAL A 510 47.54 -13.96 4.38
C VAL A 510 48.85 -14.46 3.79
N ASN A 511 49.21 -15.70 4.15
CA ASN A 511 50.46 -16.30 3.71
C ASN A 511 51.69 -15.45 4.05
N GLY A 512 51.67 -14.87 5.26
CA GLY A 512 52.82 -14.14 5.77
C GLY A 512 52.71 -12.63 5.76
N GLU A 513 52.13 -12.08 4.69
CA GLU A 513 52.12 -10.62 4.49
C GLU A 513 50.84 -9.97 4.99
N ARG A 514 50.96 -8.77 5.57
CA ARG A 514 49.81 -8.02 6.04
C ARG A 514 49.13 -7.28 4.90
N VAL A 515 47.88 -7.66 4.64
CA VAL A 515 47.08 -7.01 3.62
C VAL A 515 45.82 -6.37 4.24
N LEU A 516 45.58 -5.13 3.82
CA LEU A 516 44.47 -4.31 4.28
C LEU A 516 43.50 -4.08 3.13
N ILE A 517 42.21 -4.29 3.39
CA ILE A 517 41.18 -3.91 2.43
C ILE A 517 40.42 -2.72 3.01
N CYS A 518 40.36 -1.61 2.26
CA CYS A 518 39.76 -0.40 2.82
C CYS A 518 39.02 0.47 1.81
N ALA A 519 38.28 1.47 2.29
CA ALA A 519 37.55 2.39 1.42
C ALA A 519 38.52 3.21 0.59
N ALA A 520 38.09 3.68 -0.59
CA ALA A 520 38.98 4.43 -1.47
C ALA A 520 39.42 5.79 -0.91
N GLY A 521 38.67 6.33 0.06
CA GLY A 521 39.03 7.61 0.64
C GLY A 521 39.89 7.49 1.90
N LYS A 522 40.39 6.28 2.15
CA LYS A 522 41.10 5.99 3.38
C LYS A 522 42.61 5.83 3.16
N HIS A 523 43.02 5.79 1.91
CA HIS A 523 44.41 5.50 1.56
C HIS A 523 44.79 6.17 0.25
N PRO A 524 46.09 6.50 0.07
CA PRO A 524 46.57 7.03 -1.22
C PRO A 524 46.24 6.12 -2.39
N ALA A 525 45.69 6.70 -3.45
CA ALA A 525 45.30 5.94 -4.63
C ALA A 525 46.53 5.57 -5.46
N ASP A 526 47.45 6.53 -5.59
CA ASP A 526 48.60 6.46 -6.48
C ASP A 526 48.52 5.49 -7.67
N ALA A 527 48.27 6.07 -8.85
CA ALA A 527 48.17 5.37 -10.13
C ALA A 527 46.82 4.72 -10.40
N PHE A 528 45.91 4.80 -9.43
CA PHE A 528 44.54 4.35 -9.65
C PHE A 528 43.59 5.53 -9.56
N ALA A 529 44.14 6.71 -9.26
CA ALA A 529 43.35 7.91 -9.04
C ALA A 529 42.27 8.14 -10.11
N GLY A 530 42.70 8.30 -11.36
CA GLY A 530 41.77 8.52 -12.46
C GLY A 530 40.72 7.43 -12.58
N LEU A 531 41.15 6.18 -12.48
CA LEU A 531 40.26 5.03 -12.59
C LEU A 531 39.23 5.04 -11.46
N ILE A 532 39.70 5.36 -10.26
CA ILE A 532 38.84 5.45 -9.09
C ILE A 532 37.80 6.56 -9.26
N ASN A 533 38.22 7.72 -9.75
CA ASN A 533 37.28 8.80 -10.00
C ASN A 533 36.24 8.41 -11.04
N GLU A 534 36.69 7.77 -12.12
CA GLU A 534 35.80 7.28 -13.17
C GLU A 534 34.75 6.34 -12.58
N LEU A 535 35.21 5.37 -11.80
CA LEU A 535 34.32 4.40 -11.17
C LEU A 535 33.31 5.07 -10.24
N GLU A 536 33.79 5.94 -9.37
CA GLU A 536 32.93 6.61 -8.39
C GLU A 536 31.88 7.52 -9.02
N SER A 537 32.27 8.27 -10.05
CA SER A 537 31.31 9.12 -10.76
C SER A 537 30.21 8.30 -11.44
N ALA A 538 30.52 7.05 -11.74
CA ALA A 538 29.57 6.16 -12.41
C ALA A 538 28.70 5.42 -11.40
N GLY A 539 28.78 5.85 -10.14
CA GLY A 539 27.91 5.32 -9.10
C GLY A 539 28.43 4.06 -8.43
N GLN A 540 29.71 3.77 -8.61
CA GLN A 540 30.31 2.57 -8.04
C GLN A 540 30.95 2.86 -6.69
N THR A 541 31.16 1.82 -5.90
CA THR A 541 31.87 1.91 -4.63
C THR A 541 33.20 1.19 -4.78
N VAL A 542 34.30 1.86 -4.46
CA VAL A 542 35.62 1.28 -4.70
C VAL A 542 36.28 0.88 -3.38
N VAL A 543 36.91 -0.29 -3.36
CA VAL A 543 37.75 -0.64 -2.23
C VAL A 543 39.17 -0.87 -2.74
N LEU A 544 40.17 -0.59 -1.91
CA LEU A 544 41.56 -0.82 -2.26
C LEU A 544 42.07 -2.04 -1.55
N VAL A 545 42.82 -2.85 -2.28
CA VAL A 545 43.61 -3.92 -1.69
C VAL A 545 45.06 -3.41 -1.55
N VAL A 546 45.56 -3.42 -0.32
CA VAL A 546 46.89 -2.88 -0.03
C VAL A 546 47.73 -3.90 0.72
N ARG A 547 48.91 -4.24 0.20
CA ARG A 547 49.86 -5.06 0.98
C ARG A 547 51.17 -4.31 1.15
N ASN A 548 51.61 -4.20 2.40
CA ASN A 548 52.83 -3.45 2.75
C ASN A 548 52.92 -2.06 2.12
N ASP A 549 51.78 -1.35 2.15
CA ASP A 549 51.67 0.03 1.64
C ASP A 549 51.73 0.14 0.11
N ASP A 550 51.68 -1.01 -0.56
CA ASP A 550 51.51 -1.03 -2.01
C ASP A 550 50.05 -1.30 -2.35
N VAL A 551 49.47 -0.45 -3.19
CA VAL A 551 48.11 -0.68 -3.67
C VAL A 551 48.11 -1.79 -4.71
N LEU A 552 47.59 -2.96 -4.34
CA LEU A 552 47.63 -4.13 -5.20
C LEU A 552 46.53 -4.10 -6.26
N GLY A 553 45.57 -3.19 -6.10
CA GLY A 553 44.50 -3.04 -7.07
C GLY A 553 43.21 -2.64 -6.41
N ILE A 554 42.21 -2.31 -7.23
CA ILE A 554 40.93 -1.87 -6.69
C ILE A 554 39.81 -2.82 -7.07
N ILE A 555 38.73 -2.77 -6.30
CA ILE A 555 37.53 -3.55 -6.58
C ILE A 555 36.31 -2.63 -6.59
N ALA A 556 35.51 -2.69 -7.66
CA ALA A 556 34.29 -1.88 -7.76
C ALA A 556 33.08 -2.73 -7.42
N LEU A 557 32.13 -2.14 -6.69
CA LEU A 557 30.86 -2.81 -6.36
C LEU A 557 29.67 -1.87 -6.59
N GLN A 558 28.51 -2.43 -6.92
CA GLN A 558 27.31 -1.62 -7.10
C GLN A 558 26.05 -2.41 -6.75
N ASP A 559 25.03 -1.69 -6.29
CA ASP A 559 23.70 -2.27 -6.11
C ASP A 559 23.01 -2.24 -7.48
N THR A 560 22.80 -3.42 -8.06
CA THR A 560 22.31 -3.52 -9.44
C THR A 560 20.78 -3.62 -9.57
N LEU A 561 20.27 -3.24 -10.74
CA LEU A 561 18.84 -3.31 -11.05
C LEU A 561 18.29 -4.73 -11.00
N ARG A 562 17.00 -4.83 -10.63
CA ARG A 562 16.28 -6.10 -10.71
C ARG A 562 16.05 -6.45 -12.16
N ALA A 563 15.95 -7.75 -12.45
CA ALA A 563 15.88 -8.27 -13.81
C ALA A 563 14.83 -7.59 -14.69
N ASP A 564 13.67 -7.29 -14.11
CA ASP A 564 12.56 -6.77 -14.89
C ASP A 564 12.26 -5.31 -14.63
N ALA A 565 13.20 -4.58 -14.03
CA ALA A 565 12.98 -3.17 -13.75
C ALA A 565 12.84 -2.34 -15.02
N ALA A 566 13.76 -2.54 -15.96
CA ALA A 566 13.77 -1.79 -17.22
C ALA A 566 12.48 -1.95 -18.01
N THR A 567 12.18 -3.19 -18.41
CA THR A 567 10.95 -3.49 -19.14
C THR A 567 9.70 -2.97 -18.40
N ALA A 568 9.68 -3.10 -17.08
CA ALA A 568 8.54 -2.62 -16.29
C ALA A 568 8.37 -1.11 -16.44
N ILE A 569 9.47 -0.38 -16.29
CA ILE A 569 9.45 1.06 -16.50
C ILE A 569 8.96 1.41 -17.91
N SER A 570 9.49 0.73 -18.92
CA SER A 570 9.10 1.02 -20.31
C SER A 570 7.60 0.79 -20.54
N GLU A 571 7.08 -0.25 -19.89
CA GLU A 571 5.66 -0.58 -19.99
C GLU A 571 4.81 0.47 -19.31
N LEU A 572 5.24 0.91 -18.13
CA LEU A 572 4.58 2.03 -17.47
C LEU A 572 4.55 3.26 -18.39
N ASN A 573 5.66 3.52 -19.08
CA ASN A 573 5.72 4.64 -20.01
C ASN A 573 4.77 4.44 -21.19
N ALA A 574 4.55 3.19 -21.58
CA ALA A 574 3.60 2.88 -22.65
C ALA A 574 2.17 3.22 -22.22
N LEU A 575 1.91 3.14 -20.93
CA LEU A 575 0.60 3.43 -20.34
C LEU A 575 0.50 4.90 -19.94
N GLY A 576 1.49 5.70 -20.34
CA GLY A 576 1.50 7.11 -20.01
C GLY A 576 1.76 7.40 -18.55
N VAL A 577 2.24 6.40 -17.80
CA VAL A 577 2.58 6.58 -16.40
C VAL A 577 4.07 6.86 -16.24
N LYS A 578 4.41 8.10 -15.89
CA LYS A 578 5.81 8.44 -15.68
C LYS A 578 6.29 8.06 -14.28
N GLY A 579 7.55 7.67 -14.20
CA GLY A 579 8.15 7.33 -12.94
C GLY A 579 9.15 8.38 -12.51
N VAL A 580 9.31 8.51 -11.20
CA VAL A 580 10.30 9.38 -10.64
C VAL A 580 10.91 8.57 -9.51
N ILE A 581 12.14 8.89 -9.12
CA ILE A 581 12.82 8.13 -8.07
C ILE A 581 13.01 9.00 -6.84
N LEU A 582 12.52 8.53 -5.70
CA LEU A 582 12.74 9.21 -4.42
C LEU A 582 13.57 8.30 -3.54
N THR A 583 14.86 8.61 -3.39
CA THR A 583 15.74 7.72 -2.63
C THR A 583 16.52 8.47 -1.57
N GLY A 584 16.84 7.76 -0.47
CA GLY A 584 17.65 8.32 0.58
C GLY A 584 19.14 8.09 0.37
N ASP A 585 19.48 7.45 -0.75
CA ASP A 585 20.86 7.14 -1.10
C ASP A 585 21.59 8.38 -1.65
N ASN A 586 22.91 8.31 -1.77
CA ASN A 586 23.70 9.43 -2.28
C ASN A 586 23.43 9.73 -3.76
N PRO A 587 23.59 11.00 -4.17
CA PRO A 587 23.30 11.44 -5.53
C PRO A 587 23.94 10.60 -6.64
N ARG A 588 25.18 10.13 -6.46
CA ARG A 588 25.87 9.37 -7.51
C ARG A 588 25.26 7.98 -7.73
N ALA A 589 25.16 7.21 -6.65
CA ALA A 589 24.55 5.89 -6.69
C ALA A 589 23.16 5.95 -7.29
N ALA A 590 22.38 6.95 -6.90
CA ALA A 590 21.06 7.17 -7.48
C ALA A 590 21.15 7.48 -8.98
N ALA A 591 22.03 8.41 -9.34
CA ALA A 591 22.13 8.92 -10.71
C ALA A 591 22.52 7.84 -11.70
N ALA A 592 23.27 6.85 -11.22
CA ALA A 592 23.62 5.71 -12.07
C ALA A 592 22.37 4.92 -12.48
N ILE A 593 21.60 4.51 -11.47
CA ILE A 593 20.38 3.74 -11.67
C ILE A 593 19.31 4.50 -12.46
N ALA A 594 18.98 5.70 -11.98
CA ALA A 594 18.07 6.59 -12.69
C ALA A 594 18.55 6.86 -14.12
N GLY A 595 19.87 6.86 -14.30
CA GLY A 595 20.43 6.95 -15.64
C GLY A 595 20.01 5.75 -16.46
N GLU A 596 20.16 4.55 -15.89
CA GLU A 596 19.78 3.33 -16.61
C GLU A 596 18.31 3.27 -17.04
N LEU A 597 17.43 3.86 -16.23
CA LEU A 597 15.98 3.74 -16.46
C LEU A 597 15.37 4.99 -17.07
N GLY A 598 16.20 5.99 -17.35
CA GLY A 598 15.74 7.22 -17.94
C GLY A 598 14.77 8.01 -17.07
N LEU A 599 14.90 7.86 -15.76
CA LEU A 599 14.00 8.55 -14.83
C LEU A 599 14.70 9.72 -14.14
N GLU A 600 13.90 10.68 -13.66
CA GLU A 600 14.44 11.75 -12.83
C GLU A 600 14.47 11.26 -11.39
N PHE A 601 15.23 11.95 -10.55
CA PHE A 601 15.36 11.53 -9.17
C PHE A 601 15.57 12.68 -8.19
N LYS A 602 15.28 12.40 -6.93
CA LYS A 602 15.65 13.25 -5.81
C LYS A 602 16.41 12.31 -4.88
N ALA A 603 17.58 12.74 -4.42
CA ALA A 603 18.44 11.84 -3.63
C ALA A 603 18.82 12.43 -2.26
N GLY A 604 19.36 11.58 -1.40
CA GLY A 604 19.75 11.99 -0.06
C GLY A 604 18.54 12.46 0.75
N LEU A 605 17.45 11.72 0.65
CA LEU A 605 16.18 12.13 1.24
C LEU A 605 15.86 11.40 2.55
N LEU A 606 15.42 12.17 3.55
CA LEU A 606 14.86 11.61 4.79
C LEU A 606 13.34 11.43 4.59
N PRO A 607 12.68 10.62 5.45
CA PRO A 607 11.26 10.31 5.26
C PRO A 607 10.36 11.54 5.03
N GLU A 608 10.57 12.58 5.83
CA GLU A 608 9.79 13.80 5.68
C GLU A 608 9.93 14.40 4.28
N ASP A 609 11.15 14.37 3.76
CA ASP A 609 11.43 14.88 2.41
C ASP A 609 10.66 14.09 1.35
N LYS A 610 10.64 12.76 1.49
CA LYS A 610 9.84 11.90 0.61
C LYS A 610 8.35 12.26 0.69
N VAL A 611 7.86 12.46 1.90
CA VAL A 611 6.46 12.88 2.08
C VAL A 611 6.17 14.19 1.35
N LYS A 612 7.08 15.16 1.47
CA LYS A 612 6.92 16.44 0.78
C LYS A 612 6.91 16.30 -0.74
N ALA A 613 7.89 15.58 -1.27
CA ALA A 613 7.98 15.30 -2.70
C ALA A 613 6.69 14.66 -3.21
N VAL A 614 6.26 13.61 -2.52
CA VAL A 614 5.03 12.86 -2.84
C VAL A 614 3.79 13.76 -2.81
N THR A 615 3.67 14.64 -1.81
CA THR A 615 2.58 15.59 -1.74
C THR A 615 2.57 16.49 -2.95
N LYS A 616 3.73 17.11 -3.21
CA LYS A 616 3.92 17.99 -4.36
C LYS A 616 3.46 17.33 -5.65
N LEU A 617 3.92 16.10 -5.89
CA LEU A 617 3.54 15.35 -7.09
C LEU A 617 2.05 14.97 -7.13
N ASN A 618 1.51 14.63 -5.96
CA ASN A 618 0.13 14.12 -5.84
C ASN A 618 -0.91 15.22 -5.98
N GLN A 619 -0.50 16.46 -5.75
CA GLN A 619 -1.38 17.61 -6.02
C GLN A 619 -1.58 17.79 -7.52
N HIS A 620 -0.56 17.43 -8.30
CA HIS A 620 -0.62 17.54 -9.76
C HIS A 620 -1.42 16.38 -10.36
N ALA A 621 -1.21 15.17 -9.84
CA ALA A 621 -1.88 13.98 -10.36
C ALA A 621 -1.78 12.85 -9.34
N PRO A 622 -2.81 11.99 -9.27
CA PRO A 622 -2.79 10.82 -8.39
C PRO A 622 -1.54 9.95 -8.58
N LEU A 623 -0.87 9.61 -7.48
CA LEU A 623 0.42 8.93 -7.53
C LEU A 623 0.44 7.63 -6.73
N ALA A 624 1.15 6.63 -7.25
CA ALA A 624 1.41 5.42 -6.48
C ALA A 624 2.85 5.45 -5.99
N MET A 625 3.06 5.16 -4.72
CA MET A 625 4.41 5.10 -4.15
C MET A 625 4.82 3.65 -3.94
N VAL A 626 5.92 3.25 -4.57
CA VAL A 626 6.42 1.89 -4.42
C VAL A 626 7.72 1.89 -3.62
N GLY A 627 7.72 1.16 -2.52
CA GLY A 627 8.89 1.09 -1.65
C GLY A 627 8.98 -0.23 -0.92
N ASP A 628 10.09 -0.44 -0.21
CA ASP A 628 10.33 -1.65 0.54
C ASP A 628 10.74 -1.33 1.97
N GLY A 629 10.88 -0.05 2.28
CA GLY A 629 11.45 0.34 3.56
C GLY A 629 10.56 1.08 4.55
N ILE A 630 10.95 1.02 5.82
CA ILE A 630 10.34 1.80 6.89
C ILE A 630 10.22 3.27 6.50
N ASN A 631 11.31 3.82 5.98
CA ASN A 631 11.33 5.22 5.55
C ASN A 631 10.42 5.52 4.35
N ASP A 632 9.91 4.47 3.69
CA ASP A 632 8.92 4.64 2.64
C ASP A 632 7.52 4.78 3.23
N ALA A 633 7.32 4.27 4.44
CA ALA A 633 5.98 4.21 5.03
C ALA A 633 5.21 5.55 5.04
N PRO A 634 5.86 6.64 5.50
CA PRO A 634 5.12 7.90 5.48
C PRO A 634 4.77 8.34 4.05
N ALA A 635 5.67 8.12 3.09
CA ALA A 635 5.38 8.47 1.70
C ALA A 635 4.19 7.68 1.16
N MET A 636 4.18 6.38 1.47
CA MET A 636 3.12 5.49 1.04
C MET A 636 1.74 6.00 1.46
N LYS A 637 1.66 6.52 2.68
CA LYS A 637 0.39 7.00 3.21
C LYS A 637 0.05 8.36 2.63
N ALA A 638 1.08 9.09 2.22
CA ALA A 638 0.89 10.42 1.63
C ALA A 638 0.45 10.35 0.17
N ALA A 639 0.67 9.20 -0.46
CA ALA A 639 0.31 8.97 -1.86
C ALA A 639 -1.14 8.52 -1.99
N ALA A 640 -1.67 8.56 -3.20
CA ALA A 640 -3.02 8.05 -3.47
C ALA A 640 -3.12 6.57 -3.09
N ILE A 641 -2.03 5.85 -3.28
CA ILE A 641 -1.93 4.44 -2.89
C ILE A 641 -0.45 4.06 -2.68
N GLY A 642 -0.18 3.34 -1.61
CA GLY A 642 1.17 2.86 -1.37
C GLY A 642 1.29 1.41 -1.77
N ILE A 643 2.40 1.04 -2.39
CA ILE A 643 2.60 -0.34 -2.82
C ILE A 643 3.96 -0.86 -2.33
N ALA A 644 3.95 -2.01 -1.65
CA ALA A 644 5.16 -2.57 -1.06
C ALA A 644 5.73 -3.74 -1.84
N MET A 645 7.05 -3.88 -1.83
CA MET A 645 7.71 -5.05 -2.42
C MET A 645 7.53 -6.24 -1.48
N GLY A 646 7.57 -7.44 -2.03
CA GLY A 646 7.35 -8.64 -1.23
C GLY A 646 8.37 -8.85 -0.14
N SER A 647 9.64 -8.59 -0.47
CA SER A 647 10.74 -8.81 0.45
C SER A 647 10.93 -7.62 1.39
N GLY A 648 10.08 -6.61 1.25
CA GLY A 648 10.22 -5.38 2.01
C GLY A 648 10.10 -5.53 3.51
N THR A 649 10.33 -4.42 4.22
CA THR A 649 10.17 -4.36 5.66
C THR A 649 8.72 -4.60 6.05
N ASP A 650 8.52 -5.17 7.24
CA ASP A 650 7.18 -5.41 7.78
C ASP A 650 6.38 -4.10 7.85
N VAL A 651 7.02 -3.04 8.31
CA VAL A 651 6.45 -1.71 8.32
C VAL A 651 5.91 -1.32 6.93
N ALA A 652 6.70 -1.58 5.90
CA ALA A 652 6.29 -1.25 4.53
C ALA A 652 5.07 -2.06 4.11
N LEU A 653 5.11 -3.36 4.39
CA LEU A 653 4.05 -4.28 3.99
C LEU A 653 2.73 -3.99 4.72
N GLU A 654 2.85 -3.42 5.91
CA GLU A 654 1.70 -3.14 6.75
C GLU A 654 1.11 -1.75 6.47
N THR A 655 1.98 -0.80 6.14
CA THR A 655 1.55 0.56 5.79
C THR A 655 0.91 0.62 4.40
N ALA A 656 1.39 -0.22 3.50
CA ALA A 656 0.93 -0.19 2.11
C ALA A 656 -0.52 -0.61 1.96
N ASP A 657 -1.13 -0.19 0.85
CA ASP A 657 -2.50 -0.61 0.54
C ASP A 657 -2.45 -1.84 -0.36
N ALA A 658 -1.26 -2.12 -0.91
CA ALA A 658 -1.06 -3.24 -1.82
C ALA A 658 0.34 -3.82 -1.74
N ALA A 659 0.55 -4.98 -2.34
CA ALA A 659 1.81 -5.69 -2.19
C ALA A 659 2.23 -6.53 -3.41
N LEU A 660 3.48 -6.37 -3.82
CA LEU A 660 4.07 -7.18 -4.89
C LEU A 660 4.70 -8.44 -4.31
N THR A 661 3.87 -9.41 -3.94
CA THR A 661 4.32 -10.63 -3.24
C THR A 661 5.41 -11.43 -3.96
N HIS A 662 5.78 -11.01 -5.15
CA HIS A 662 6.72 -11.76 -5.99
C HIS A 662 8.00 -10.99 -6.29
N ASN A 663 8.00 -9.70 -5.98
CA ASN A 663 9.11 -8.79 -6.30
C ASN A 663 9.35 -8.56 -7.79
N HIS A 664 8.39 -8.97 -8.61
CA HIS A 664 8.41 -8.68 -10.04
C HIS A 664 7.76 -7.33 -10.31
N LEU A 665 8.55 -6.37 -10.78
CA LEU A 665 8.07 -5.02 -11.00
C LEU A 665 7.04 -4.95 -12.15
N ARG A 666 7.13 -5.89 -13.09
CA ARG A 666 6.15 -6.02 -14.17
C ARG A 666 4.72 -6.14 -13.62
N GLY A 667 4.59 -6.88 -12.52
CA GLY A 667 3.32 -7.07 -11.86
C GLY A 667 2.69 -5.78 -11.36
N LEU A 668 3.42 -4.68 -11.51
CA LEU A 668 2.84 -3.37 -11.27
C LEU A 668 1.94 -2.98 -12.44
N VAL A 669 2.48 -3.03 -13.67
CA VAL A 669 1.69 -2.65 -14.84
C VAL A 669 0.40 -3.45 -14.90
N GLN A 670 0.50 -4.76 -14.69
CA GLN A 670 -0.65 -5.64 -14.62
C GLN A 670 -1.68 -5.07 -13.69
N MET A 671 -1.25 -4.77 -12.46
CA MET A 671 -2.15 -4.18 -11.48
C MET A 671 -2.81 -2.97 -12.10
N ILE A 672 -2.00 -2.03 -12.57
CA ILE A 672 -2.53 -0.78 -13.10
C ILE A 672 -3.42 -1.05 -14.31
N GLU A 673 -3.11 -2.11 -15.05
CA GLU A 673 -3.97 -2.49 -16.15
C GLU A 673 -5.32 -2.95 -15.59
N LEU A 674 -5.26 -3.95 -14.71
CA LEU A 674 -6.47 -4.55 -14.16
C LEU A 674 -7.38 -3.51 -13.55
N ALA A 675 -6.84 -2.74 -12.61
CA ALA A 675 -7.55 -1.62 -12.02
C ALA A 675 -8.28 -0.80 -13.08
N ARG A 676 -7.55 -0.40 -14.12
CA ARG A 676 -8.15 0.45 -15.15
C ARG A 676 -9.30 -0.26 -15.85
N ALA A 677 -9.08 -1.53 -16.19
CA ALA A 677 -10.13 -2.33 -16.80
C ALA A 677 -11.32 -2.34 -15.87
N THR A 678 -11.04 -2.50 -14.57
CA THR A 678 -12.10 -2.52 -13.57
C THR A 678 -12.88 -1.21 -13.67
N HIS A 679 -12.16 -0.09 -13.77
CA HIS A 679 -12.82 1.20 -13.82
C HIS A 679 -13.68 1.35 -15.06
N ALA A 680 -13.33 0.60 -16.10
CA ALA A 680 -14.14 0.62 -17.31
C ALA A 680 -15.38 -0.22 -17.07
N ASN A 681 -15.16 -1.40 -16.48
CA ASN A 681 -16.24 -2.37 -16.28
C ASN A 681 -17.40 -1.72 -15.52
N ILE A 682 -17.08 -1.16 -14.37
CA ILE A 682 -18.00 -0.33 -13.60
C ILE A 682 -18.81 0.60 -14.50
N ARG A 683 -18.12 1.42 -15.28
CA ARG A 683 -18.78 2.43 -16.11
C ARG A 683 -19.77 1.81 -17.10
N GLN A 684 -19.46 0.59 -17.55
CA GLN A 684 -20.38 -0.13 -18.41
C GLN A 684 -21.58 -0.55 -17.58
N ASN A 685 -21.30 -1.23 -16.47
CA ASN A 685 -22.32 -1.78 -15.60
C ASN A 685 -23.36 -0.73 -15.24
N ILE A 686 -22.89 0.37 -14.66
CA ILE A 686 -23.74 1.49 -14.30
C ILE A 686 -24.67 1.82 -15.45
N THR A 687 -24.08 2.04 -16.63
CA THR A 687 -24.84 2.37 -17.82
C THR A 687 -25.99 1.38 -17.99
N ILE A 688 -25.64 0.09 -18.03
CA ILE A 688 -26.64 -0.96 -18.13
C ILE A 688 -27.71 -0.73 -17.08
N ALA A 689 -27.28 -0.73 -15.82
CA ALA A 689 -28.20 -0.57 -14.71
C ALA A 689 -28.98 0.73 -14.84
N LEU A 690 -28.30 1.78 -15.28
CA LEU A 690 -28.95 3.08 -15.35
C LEU A 690 -29.75 3.22 -16.64
N GLY A 691 -29.43 2.40 -17.63
CA GLY A 691 -30.09 2.51 -18.92
C GLY A 691 -31.47 1.91 -18.88
N LEU A 692 -31.51 0.60 -18.64
CA LEU A 692 -32.75 -0.17 -18.52
C LEU A 692 -33.74 0.55 -17.60
N LYS A 693 -33.28 0.87 -16.40
CA LYS A 693 -34.05 1.69 -15.46
C LYS A 693 -34.73 2.85 -16.15
N GLY A 694 -33.93 3.70 -16.79
CA GLY A 694 -34.46 4.82 -17.54
C GLY A 694 -35.58 4.41 -18.47
N ILE A 695 -35.31 3.41 -19.30
CA ILE A 695 -36.32 2.89 -20.21
C ILE A 695 -37.55 2.54 -19.39
N PHE A 696 -37.38 1.68 -18.40
CA PHE A 696 -38.55 1.21 -17.68
C PHE A 696 -39.12 2.28 -16.76
N LEU A 697 -38.38 3.38 -16.62
CA LEU A 697 -38.93 4.55 -15.97
C LEU A 697 -39.89 5.26 -16.93
N VAL A 698 -39.44 5.51 -18.16
CA VAL A 698 -40.26 6.29 -19.08
C VAL A 698 -41.51 5.53 -19.51
N THR A 699 -41.35 4.25 -19.86
CA THR A 699 -42.48 3.39 -20.21
C THR A 699 -43.55 3.37 -19.11
N THR A 700 -43.10 3.18 -17.86
CA THR A 700 -43.97 3.25 -16.69
C THR A 700 -44.74 4.57 -16.66
N LEU A 701 -44.05 5.65 -16.98
CA LEU A 701 -44.66 6.98 -16.94
C LEU A 701 -45.62 7.20 -18.11
N LEU A 702 -45.55 6.33 -19.11
CA LEU A 702 -46.48 6.38 -20.23
C LEU A 702 -47.64 5.42 -19.96
N GLY A 703 -47.49 4.62 -18.92
CA GLY A 703 -48.56 3.74 -18.48
C GLY A 703 -48.67 2.45 -19.27
N MET A 704 -47.57 2.02 -19.87
CA MET A 704 -47.56 0.78 -20.64
C MET A 704 -46.78 -0.34 -19.94
N THR A 705 -46.30 -0.06 -18.72
CA THR A 705 -45.55 -1.05 -17.95
C THR A 705 -45.83 -0.99 -16.45
N GLY A 706 -45.84 -2.15 -15.80
CA GLY A 706 -46.15 -2.25 -14.39
C GLY A 706 -45.01 -2.66 -13.47
N LEU A 707 -45.33 -2.73 -12.18
CA LEU A 707 -44.34 -2.97 -11.13
C LEU A 707 -43.53 -4.25 -11.31
N TRP A 708 -44.23 -5.37 -11.46
CA TRP A 708 -43.58 -6.67 -11.56
C TRP A 708 -42.66 -6.74 -12.78
N LEU A 709 -43.03 -6.06 -13.86
CA LEU A 709 -42.20 -6.03 -15.05
C LEU A 709 -40.92 -5.22 -14.80
N ALA A 710 -41.04 -4.11 -14.07
CA ALA A 710 -39.90 -3.28 -13.72
C ALA A 710 -38.95 -4.01 -12.78
N VAL A 711 -39.51 -4.78 -11.86
CA VAL A 711 -38.72 -5.61 -10.97
C VAL A 711 -37.97 -6.67 -11.76
N LEU A 712 -38.69 -7.38 -12.62
CA LEU A 712 -38.09 -8.38 -13.50
C LEU A 712 -36.97 -7.77 -14.35
N ALA A 713 -37.16 -6.53 -14.78
CA ALA A 713 -36.21 -5.84 -15.65
C ALA A 713 -34.96 -5.42 -14.88
N ASP A 714 -35.16 -4.96 -13.66
CA ASP A 714 -34.05 -4.59 -12.79
C ASP A 714 -33.23 -5.83 -12.45
N THR A 715 -33.93 -6.95 -12.28
CA THR A 715 -33.30 -8.25 -12.01
C THR A 715 -32.46 -8.69 -13.21
N GLY A 716 -33.03 -8.55 -14.41
CA GLY A 716 -32.28 -8.82 -15.63
C GLY A 716 -31.04 -7.95 -15.74
N ALA A 717 -31.21 -6.67 -15.40
CA ALA A 717 -30.10 -5.73 -15.36
C ALA A 717 -28.99 -6.22 -14.42
N THR A 718 -29.39 -6.69 -13.24
CA THR A 718 -28.47 -7.23 -12.26
C THR A 718 -27.71 -8.44 -12.81
N VAL A 719 -28.43 -9.35 -13.45
CA VAL A 719 -27.79 -10.50 -14.05
C VAL A 719 -26.76 -10.03 -15.08
N LEU A 720 -27.12 -9.03 -15.86
CA LEU A 720 -26.22 -8.48 -16.88
C LEU A 720 -24.94 -7.86 -16.29
N VAL A 721 -25.09 -6.98 -15.31
CA VAL A 721 -23.90 -6.36 -14.70
C VAL A 721 -23.05 -7.41 -14.00
N THR A 722 -23.69 -8.44 -13.47
CA THR A 722 -22.96 -9.56 -12.88
C THR A 722 -22.09 -10.26 -13.93
N ALA A 723 -22.74 -10.72 -15.01
CA ALA A 723 -22.05 -11.38 -16.09
C ALA A 723 -20.91 -10.52 -16.64
N ASN A 724 -21.13 -9.21 -16.67
CA ASN A 724 -20.12 -8.28 -17.18
C ASN A 724 -18.93 -8.20 -16.23
N ALA A 725 -19.24 -8.12 -14.95
CA ALA A 725 -18.24 -8.08 -13.89
C ALA A 725 -17.38 -9.35 -13.92
N LEU A 726 -17.98 -10.48 -14.28
CA LEU A 726 -17.23 -11.73 -14.36
C LEU A 726 -16.18 -11.75 -15.48
N ARG A 727 -16.26 -10.80 -16.42
CA ARG A 727 -15.29 -10.71 -17.52
C ARG A 727 -13.90 -10.30 -17.04
N LEU A 728 -13.82 -9.67 -15.88
CA LEU A 728 -12.55 -9.25 -15.30
C LEU A 728 -11.68 -10.45 -14.90
N LEU A 729 -12.31 -11.58 -14.66
CA LEU A 729 -11.60 -12.79 -14.28
C LEU A 729 -10.75 -13.38 -15.41
N ARG A 730 -11.12 -13.07 -16.66
CA ARG A 730 -10.34 -13.56 -17.79
C ARG A 730 -8.95 -12.94 -17.84
AL ALF B . 15.55 3.62 -0.47
F1 ALF B . 14.54 3.54 1.00
F2 ALF B . 15.44 5.40 -0.46
F3 ALF B . 15.55 1.84 -0.49
F4 ALF B . 16.50 3.71 -1.96
MG MG C . 13.92 1.18 0.51
#